data_7KIJ
#
_entry.id   7KIJ
#
_cell.length_a   102.986
_cell.length_b   102.986
_cell.length_c   138.294
_cell.angle_alpha   90.000
_cell.angle_beta   90.000
_cell.angle_gamma   120.000
#
_symmetry.space_group_name_H-M   'P 61 2 2'
#
loop_
_entity.id
_entity.type
_entity.pdbx_description
1 polymer 'ATP-dependent helicase Rep'
2 polymer "DNA (5'-D(*TP*AP*TP*TP*AP*TP*TP*AP*CP*C)-3')"
3 non-polymer GLYCEROL
4 non-polymer 'SULFATE ION'
5 non-polymer 'MANGANESE (II) ION'
6 water water
#
loop_
_entity_poly.entity_id
_entity_poly.type
_entity_poly.pdbx_seq_one_letter_code
_entity_poly.pdbx_strand_id
1 'polypeptide(L)'
;MAKSGNYSYKRWVFTINNPTFEDYVHVLEFCTLDNCKFAIVGEEKGANGTPHLQGFLNLRSNARAAALEESLGGRAWLSR
ARGSDEDNEEFCAKESTYLRVGEPVSKGRSS
;
C,A
2 'polydeoxyribonucleotide' (DT)(DA)(DT)(DT)(DA)(DT)(DT)(DA)(DC)(DC) D,B
#
loop_
_chem_comp.id
_chem_comp.type
_chem_comp.name
_chem_comp.formula
DA DNA linking 2'-DEOXYADENOSINE-5'-MONOPHOSPHATE 'C10 H14 N5 O6 P'
DC DNA linking 2'-DEOXYCYTIDINE-5'-MONOPHOSPHATE 'C9 H14 N3 O7 P'
DT DNA linking THYMIDINE-5'-MONOPHOSPHATE 'C10 H15 N2 O8 P'
GOL non-polymer GLYCEROL 'C3 H8 O3'
MN non-polymer 'MANGANESE (II) ION' 'Mn 2'
SO4 non-polymer 'SULFATE ION' 'O4 S -2'
#
# COMPACT_ATOMS: atom_id res chain seq x y z
N TYR A 7 6.59 -7.43 9.92
CA TYR A 7 6.28 -6.45 8.87
C TYR A 7 7.39 -6.32 7.83
N SER A 8 7.90 -7.48 7.41
CA SER A 8 8.88 -7.52 6.33
C SER A 8 8.35 -8.42 5.22
N TYR A 9 8.57 -7.99 3.97
CA TYR A 9 7.90 -8.57 2.82
C TYR A 9 8.88 -8.65 1.65
N LYS A 10 8.55 -9.49 0.68
CA LYS A 10 9.41 -9.64 -0.48
C LYS A 10 8.99 -8.83 -1.70
N ARG A 11 7.70 -8.54 -1.88
CA ARG A 11 7.20 -8.05 -3.15
C ARG A 11 6.74 -6.61 -3.01
N TRP A 12 7.39 -5.72 -3.76
CA TRP A 12 7.25 -4.28 -3.59
C TRP A 12 7.22 -3.60 -4.95
N VAL A 13 6.47 -2.50 -5.04
CA VAL A 13 6.67 -1.54 -6.13
C VAL A 13 7.30 -0.29 -5.55
N PHE A 14 7.98 0.46 -6.42
CA PHE A 14 8.58 1.71 -5.99
C PHE A 14 8.60 2.72 -7.13
N THR A 15 8.63 3.99 -6.75
CA THR A 15 8.84 5.11 -7.65
C THR A 15 9.90 6.01 -7.05
N ILE A 16 10.83 6.49 -7.87
CA ILE A 16 11.74 7.55 -7.45
C ILE A 16 11.56 8.71 -8.41
N ASN A 17 10.95 9.77 -7.94
CA ASN A 17 10.70 10.96 -8.75
C ASN A 17 11.92 11.87 -8.73
N ASN A 18 12.21 12.48 -9.88
CA ASN A 18 13.40 13.32 -10.04
C ASN A 18 14.63 12.59 -9.50
N PRO A 19 14.93 11.40 -10.00
CA PRO A 19 16.02 10.60 -9.43
C PRO A 19 17.36 11.31 -9.57
N THR A 20 18.18 11.18 -8.54
CA THR A 20 19.52 11.73 -8.50
C THR A 20 20.55 10.67 -8.89
N PHE A 21 21.79 11.14 -9.05
CA PHE A 21 22.90 10.20 -9.27
C PHE A 21 22.89 9.09 -8.22
N GLU A 22 22.80 9.47 -6.94
CA GLU A 22 22.85 8.43 -5.90
C GLU A 22 21.63 7.53 -5.95
N ASP A 23 20.47 8.05 -6.38
CA ASP A 23 19.32 7.17 -6.57
C ASP A 23 19.63 6.08 -7.58
N TYR A 24 20.18 6.47 -8.74
CA TYR A 24 20.58 5.49 -9.74
C TYR A 24 21.62 4.52 -9.20
N VAL A 25 22.62 5.03 -8.49
CA VAL A 25 23.67 4.15 -7.99
C VAL A 25 23.09 3.11 -7.04
N HIS A 26 22.16 3.53 -6.16
CA HIS A 26 21.53 2.58 -5.25
C HIS A 26 20.71 1.55 -6.00
N VAL A 27 19.92 1.99 -6.99
CA VAL A 27 19.14 1.07 -7.78
C VAL A 27 20.05 0.09 -8.52
N LEU A 28 21.14 0.59 -9.11
CA LEU A 28 22.04 -0.29 -9.85
C LEU A 28 22.74 -1.29 -8.95
N GLU A 29 23.07 -0.92 -7.72
CA GLU A 29 23.75 -1.95 -6.93
C GLU A 29 22.76 -2.92 -6.32
N PHE A 30 21.53 -2.48 -6.04
CA PHE A 30 20.59 -3.32 -5.31
C PHE A 30 19.81 -4.26 -6.23
N CYS A 31 19.42 -3.80 -7.42
CA CYS A 31 18.55 -4.58 -8.29
C CYS A 31 19.41 -5.57 -9.09
N THR A 32 19.76 -6.66 -8.41
CA THR A 32 20.62 -7.71 -8.95
C THR A 32 20.02 -9.06 -8.61
N LEU A 33 20.53 -10.11 -9.28
CA LEU A 33 20.08 -11.45 -8.97
C LEU A 33 20.48 -11.89 -7.56
N ASP A 34 21.53 -11.31 -6.98
CA ASP A 34 21.85 -11.63 -5.59
C ASP A 34 20.71 -11.29 -4.66
N ASN A 35 20.00 -10.18 -4.93
CA ASN A 35 18.97 -9.70 -4.03
C ASN A 35 17.55 -10.02 -4.46
N CYS A 36 17.33 -10.28 -5.75
CA CYS A 36 15.98 -10.36 -6.32
C CYS A 36 15.80 -11.67 -7.07
N LYS A 37 14.65 -12.34 -6.82
CA LYS A 37 14.20 -13.37 -7.74
C LYS A 37 13.85 -12.76 -9.10
N PHE A 38 13.22 -11.59 -9.08
CA PHE A 38 12.86 -10.85 -10.29
C PHE A 38 12.84 -9.38 -9.94
N ALA A 39 13.33 -8.55 -10.85
CA ALA A 39 13.23 -7.11 -10.69
C ALA A 39 13.10 -6.49 -12.08
N ILE A 40 12.32 -5.42 -12.17
CA ILE A 40 12.28 -4.63 -13.39
C ILE A 40 12.17 -3.16 -12.99
N VAL A 41 12.97 -2.31 -13.63
CA VAL A 41 13.03 -0.90 -13.30
C VAL A 41 13.00 -0.11 -14.60
N GLY A 42 11.98 0.73 -14.77
CA GLY A 42 11.85 1.57 -15.95
C GLY A 42 12.29 2.99 -15.66
N GLU A 43 12.71 3.70 -16.71
CA GLU A 43 13.13 5.09 -16.61
C GLU A 43 12.34 5.86 -17.64
N GLU A 44 11.67 6.93 -17.20
CA GLU A 44 10.93 7.81 -18.10
C GLU A 44 11.27 9.24 -17.72
N LYS A 45 11.62 10.06 -18.71
CA LYS A 45 12.06 11.42 -18.44
C LYS A 45 11.67 12.33 -19.60
N GLY A 46 10.50 12.08 -20.17
CA GLY A 46 10.00 12.87 -21.28
C GLY A 46 9.63 14.28 -20.86
N ALA A 47 8.91 14.94 -21.78
CA ALA A 47 8.81 16.40 -21.77
C ALA A 47 7.95 16.92 -20.63
N ASN A 48 6.67 16.56 -20.61
CA ASN A 48 5.69 17.24 -19.78
C ASN A 48 5.40 16.52 -18.47
N GLY A 49 6.39 15.84 -17.90
CA GLY A 49 6.16 15.08 -16.68
C GLY A 49 7.42 15.05 -15.84
N THR A 50 7.23 14.68 -14.58
CA THR A 50 8.36 14.52 -13.69
C THR A 50 9.12 13.26 -14.07
N PRO A 51 10.43 13.32 -14.31
CA PRO A 51 11.18 12.10 -14.61
C PRO A 51 11.16 11.17 -13.41
N HIS A 52 11.11 9.87 -13.70
CA HIS A 52 11.19 8.86 -12.64
C HIS A 52 11.91 7.60 -13.06
N LEU A 53 12.41 6.91 -12.03
CA LEU A 53 12.59 5.48 -12.03
C LEU A 53 11.37 4.86 -11.38
N GLN A 54 10.92 3.74 -11.94
CA GLN A 54 9.71 3.09 -11.49
C GLN A 54 9.90 1.60 -11.63
N GLY A 55 9.68 0.84 -10.56
CA GLY A 55 10.02 -0.56 -10.65
C GLY A 55 9.23 -1.48 -9.75
N PHE A 56 9.55 -2.76 -9.88
CA PHE A 56 8.95 -3.84 -9.12
C PHE A 56 10.08 -4.75 -8.66
N LEU A 57 10.02 -5.17 -7.41
CA LEU A 57 11.03 -6.05 -6.83
C LEU A 57 10.37 -7.26 -6.21
N ASN A 58 10.83 -8.45 -6.59
CA ASN A 58 10.50 -9.68 -5.89
C ASN A 58 11.78 -10.15 -5.21
N LEU A 59 11.92 -9.79 -3.93
CA LEU A 59 13.16 -9.99 -3.20
C LEU A 59 13.35 -11.44 -2.77
N ARG A 60 14.62 -11.86 -2.66
CA ARG A 60 14.91 -13.19 -2.14
C ARG A 60 14.67 -13.27 -0.63
N SER A 61 14.83 -12.16 0.08
CA SER A 61 14.65 -12.11 1.53
C SER A 61 13.63 -11.04 1.90
N ASN A 62 12.82 -11.31 2.92
CA ASN A 62 11.91 -10.29 3.42
C ASN A 62 12.67 -9.03 3.82
N ALA A 63 12.08 -7.86 3.56
CA ALA A 63 12.58 -6.57 3.97
C ALA A 63 11.40 -5.75 4.52
N ARG A 64 11.57 -5.25 5.74
CA ARG A 64 10.95 -4.01 6.30
C ARG A 64 11.20 -2.73 5.45
N ALA A 65 10.14 -1.93 5.39
CA ALA A 65 10.05 -0.81 4.45
C ALA A 65 11.18 0.18 4.69
N ALA A 66 11.53 0.40 5.95
CA ALA A 66 12.62 1.31 6.25
C ALA A 66 13.92 0.78 5.68
N ALA A 67 14.12 -0.53 5.70
CA ALA A 67 15.35 -1.11 5.18
C ALA A 67 15.40 -1.02 3.65
N LEU A 68 14.28 -1.33 2.99
CA LEU A 68 14.24 -1.22 1.53
C LEU A 68 14.40 0.23 1.09
N GLU A 69 13.82 1.16 1.83
CA GLU A 69 13.98 2.58 1.52
C GLU A 69 15.45 2.97 1.52
N GLU A 70 16.18 2.56 2.56
CA GLU A 70 17.62 2.80 2.59
C GLU A 70 18.32 2.15 1.41
N SER A 71 17.96 0.90 1.09
CA SER A 71 18.62 0.21 -0.01
C SER A 71 18.43 0.93 -1.34
N LEU A 72 17.28 1.58 -1.53
CA LEU A 72 16.97 2.24 -2.80
C LEU A 72 17.40 3.70 -2.85
N GLY A 73 18.04 4.22 -1.80
CA GLY A 73 18.63 5.54 -1.84
C GLY A 73 17.93 6.58 -0.99
N GLY A 74 16.81 6.22 -0.35
CA GLY A 74 16.16 7.08 0.62
C GLY A 74 15.15 8.08 0.09
N ARG A 75 14.91 8.11 -1.23
CA ARG A 75 13.95 9.04 -1.81
C ARG A 75 12.77 8.32 -2.47
N ALA A 76 12.62 7.02 -2.25
CA ALA A 76 11.65 6.23 -3.00
C ALA A 76 10.30 6.19 -2.31
N TRP A 77 9.24 6.26 -3.09
CA TRP A 77 7.93 5.83 -2.64
C TRP A 77 7.85 4.31 -2.76
N LEU A 78 7.31 3.67 -1.73
CA LEU A 78 7.17 2.21 -1.64
C LEU A 78 5.72 1.81 -1.41
N SER A 79 5.37 0.63 -1.93
CA SER A 79 4.05 0.06 -1.71
C SER A 79 4.13 -1.45 -1.85
N ARG A 80 3.43 -2.19 -0.98
CA ARG A 80 3.36 -3.63 -1.16
C ARG A 80 2.74 -3.94 -2.52
N ALA A 81 3.35 -4.88 -3.25
CA ALA A 81 2.88 -5.20 -4.60
C ALA A 81 1.48 -5.81 -4.55
N ARG A 82 0.57 -5.28 -5.35
CA ARG A 82 -0.76 -5.84 -5.46
C ARG A 82 -0.96 -6.70 -6.69
N GLY A 83 -0.21 -6.45 -7.76
CA GLY A 83 -0.30 -7.27 -8.95
C GLY A 83 0.70 -8.40 -8.95
N SER A 84 0.58 -9.27 -9.96
CA SER A 84 1.51 -10.38 -10.09
C SER A 84 2.86 -9.89 -10.63
N ASP A 85 3.86 -10.78 -10.58
CA ASP A 85 5.15 -10.42 -11.18
C ASP A 85 4.96 -10.05 -12.64
N GLU A 86 4.12 -10.81 -13.35
CA GLU A 86 3.94 -10.54 -14.78
C GLU A 86 3.16 -9.25 -14.99
N ASP A 87 2.18 -8.96 -14.13
CA ASP A 87 1.48 -7.68 -14.21
C ASP A 87 2.48 -6.54 -14.16
N ASN A 88 3.45 -6.65 -13.24
CA ASN A 88 4.45 -5.61 -13.05
C ASN A 88 5.44 -5.57 -14.20
N GLU A 89 5.83 -6.75 -14.71
CA GLU A 89 6.69 -6.79 -15.89
C GLU A 89 6.05 -6.05 -17.06
N GLU A 90 4.77 -6.31 -17.30
CA GLU A 90 4.11 -5.69 -18.44
C GLU A 90 3.99 -4.18 -18.28
N PHE A 91 3.71 -3.72 -17.05
CA PHE A 91 3.59 -2.28 -16.81
C PHE A 91 4.93 -1.58 -16.97
N CYS A 92 5.99 -2.12 -16.34
CA CYS A 92 7.27 -1.43 -16.39
C CYS A 92 7.95 -1.55 -17.75
N ALA A 93 7.70 -2.64 -18.48
CA ALA A 93 8.32 -2.81 -19.79
C ALA A 93 7.76 -1.84 -20.82
N LYS A 94 6.67 -1.14 -20.51
CA LYS A 94 6.19 -0.11 -21.42
C LYS A 94 7.05 1.15 -21.39
N GLU A 95 7.88 1.31 -20.36
CA GLU A 95 8.73 2.49 -20.24
C GLU A 95 9.85 2.43 -21.28
N SER A 96 10.26 3.60 -21.76
CA SER A 96 11.11 3.64 -22.95
C SER A 96 12.49 3.02 -22.71
N THR A 97 12.98 3.05 -21.47
CA THR A 97 14.18 2.31 -21.08
C THR A 97 13.83 1.47 -19.87
N TYR A 98 14.30 0.22 -19.83
CA TYR A 98 14.14 -0.51 -18.59
C TYR A 98 15.25 -1.52 -18.40
N LEU A 99 15.47 -1.86 -17.14
CA LEU A 99 16.43 -2.87 -16.70
C LEU A 99 15.63 -4.04 -16.14
N ARG A 100 15.97 -5.27 -16.57
CA ARG A 100 15.18 -6.44 -16.21
C ARG A 100 16.13 -7.51 -15.66
N VAL A 101 15.83 -8.02 -14.48
CA VAL A 101 16.70 -8.92 -13.72
C VAL A 101 15.92 -10.19 -13.43
N GLY A 102 16.41 -11.33 -13.90
CA GLY A 102 15.71 -12.57 -13.61
C GLY A 102 14.46 -12.73 -14.47
N GLU A 103 13.55 -13.56 -13.97
CA GLU A 103 12.29 -13.85 -14.64
C GLU A 103 11.14 -13.77 -13.65
N PRO A 104 9.97 -13.32 -14.09
CA PRO A 104 8.81 -13.22 -13.19
C PRO A 104 8.47 -14.57 -12.56
N VAL A 105 8.04 -14.52 -11.30
CA VAL A 105 7.59 -15.71 -10.55
C VAL A 105 6.07 -15.79 -10.63
N SER A 106 5.55 -16.99 -10.92
CA SER A 106 4.11 -17.17 -11.01
C SER A 106 3.66 -18.35 -10.16
N SER C 8 -3.21 2.61 22.97
CA SER C 8 -4.20 3.64 22.65
C SER C 8 -3.72 4.60 21.55
N TYR C 9 -4.34 4.55 20.37
CA TYR C 9 -3.82 5.22 19.19
C TYR C 9 -4.94 5.88 18.39
N LYS C 10 -4.55 6.76 17.47
CA LYS C 10 -5.53 7.40 16.61
C LYS C 10 -5.64 6.77 15.22
N ARG C 11 -4.60 6.12 14.72
CA ARG C 11 -4.59 5.72 13.32
C ARG C 11 -4.59 4.21 13.20
N TRP C 12 -5.62 3.67 12.54
CA TRP C 12 -5.95 2.24 12.57
C TRP C 12 -6.37 1.78 11.18
N VAL C 13 -6.05 0.53 10.85
CA VAL C 13 -6.68 -0.18 9.73
C VAL C 13 -7.58 -1.27 10.30
N PHE C 14 -8.58 -1.65 9.52
CA PHE C 14 -9.44 -2.75 9.94
C PHE C 14 -9.96 -3.53 8.73
N THR C 15 -10.33 -4.78 8.99
CA THR C 15 -11.02 -5.66 8.06
C THR C 15 -12.20 -6.30 8.78
N ILE C 16 -13.36 -6.34 8.13
CA ILE C 16 -14.48 -7.15 8.60
C ILE C 16 -14.83 -8.13 7.50
N ASN C 17 -14.55 -9.41 7.73
CA ASN C 17 -14.88 -10.45 6.78
C ASN C 17 -16.33 -10.90 6.97
N ASN C 18 -17.01 -11.17 5.86
CA ASN C 18 -18.41 -11.55 5.88
C ASN C 18 -19.23 -10.60 6.77
N PRO C 19 -19.17 -9.30 6.48
CA PRO C 19 -19.85 -8.33 7.34
C PRO C 19 -21.34 -8.57 7.38
N THR C 20 -21.93 -8.39 8.56
CA THR C 20 -23.35 -8.51 8.81
C THR C 20 -24.03 -7.15 8.77
N PHE C 21 -25.36 -7.17 8.86
CA PHE C 21 -26.10 -5.92 9.01
C PHE C 21 -25.53 -5.09 10.17
N GLU C 22 -25.34 -5.73 11.33
CA GLU C 22 -24.84 -4.96 12.48
C GLU C 22 -23.43 -4.44 12.24
N ASP C 23 -22.58 -5.18 11.52
CA ASP C 23 -21.27 -4.64 11.18
C ASP C 23 -21.42 -3.34 10.40
N TYR C 24 -22.27 -3.36 9.36
CA TYR C 24 -22.44 -2.16 8.56
C TYR C 24 -23.01 -1.01 9.39
N VAL C 25 -24.00 -1.29 10.23
CA VAL C 25 -24.59 -0.21 11.03
C VAL C 25 -23.57 0.39 11.98
N HIS C 26 -22.70 -0.44 12.56
CA HIS C 26 -21.64 0.10 13.40
C HIS C 26 -20.70 0.98 12.59
N VAL C 27 -20.28 0.52 11.41
CA VAL C 27 -19.41 1.32 10.55
C VAL C 27 -20.09 2.65 10.21
N LEU C 28 -21.37 2.60 9.86
CA LEU C 28 -22.07 3.82 9.46
C LEU C 28 -22.23 4.79 10.62
N GLU C 29 -22.44 4.29 11.83
CA GLU C 29 -22.59 5.22 12.94
C GLU C 29 -21.24 5.75 13.42
N PHE C 30 -20.15 5.00 13.22
CA PHE C 30 -18.86 5.43 13.75
C PHE C 30 -18.07 6.28 12.77
N CYS C 31 -18.12 5.97 11.47
CA CYS C 31 -17.24 6.62 10.51
C CYS C 31 -17.87 7.93 10.04
N THR C 32 -17.78 8.92 10.92
CA THR C 32 -18.33 10.25 10.70
C THR C 32 -17.26 11.28 11.06
N LEU C 33 -17.49 12.53 10.66
CA LEU C 33 -16.57 13.59 11.08
C LEU C 33 -16.61 13.83 12.59
N ASP C 34 -17.67 13.39 13.25
CA ASP C 34 -17.74 13.50 14.71
C ASP C 34 -16.59 12.74 15.36
N ASN C 35 -16.24 11.59 14.80
CA ASN C 35 -15.23 10.71 15.39
C ASN C 35 -13.90 10.72 14.67
N CYS C 36 -13.88 11.12 13.39
CA CYS C 36 -12.72 10.92 12.54
C CYS C 36 -12.30 12.21 11.86
N LYS C 37 -10.99 12.44 11.83
CA LYS C 37 -10.41 13.44 10.94
C LYS C 37 -10.51 12.98 9.49
N PHE C 38 -10.33 11.68 9.26
CA PHE C 38 -10.39 11.06 7.95
C PHE C 38 -10.79 9.62 8.17
N ALA C 39 -11.71 9.13 7.34
CA ALA C 39 -12.04 7.72 7.33
C ALA C 39 -12.34 7.29 5.89
N ILE C 40 -11.95 6.07 5.53
CA ILE C 40 -12.35 5.51 4.26
C ILE C 40 -12.59 4.03 4.47
N VAL C 41 -13.67 3.51 3.88
CA VAL C 41 -14.07 2.11 4.06
C VAL C 41 -14.49 1.57 2.71
N GLY C 42 -13.77 0.54 2.26
CA GLY C 42 -14.11 -0.09 0.98
C GLY C 42 -14.87 -1.39 1.18
N GLU C 43 -15.62 -1.78 0.16
CA GLU C 43 -16.38 -3.05 0.21
C GLU C 43 -16.18 -3.77 -1.12
N GLU C 44 -15.77 -5.03 -1.07
CA GLU C 44 -15.63 -5.83 -2.30
C GLU C 44 -15.49 -7.30 -1.92
N LYS C 45 -15.41 -8.14 -2.93
CA LYS C 45 -15.05 -9.54 -2.70
C LYS C 45 -13.57 -9.68 -2.83
N GLY C 46 -12.98 -10.43 -1.91
CA GLY C 46 -11.61 -10.87 -2.09
C GLY C 46 -11.49 -11.90 -3.20
N ALA C 47 -10.24 -12.18 -3.57
CA ALA C 47 -9.98 -13.05 -4.72
C ALA C 47 -10.71 -14.38 -4.60
N ASN C 48 -10.77 -14.94 -3.39
CA ASN C 48 -11.38 -16.24 -3.17
C ASN C 48 -12.88 -16.14 -2.94
N GLY C 49 -13.48 -14.97 -3.12
CA GLY C 49 -14.91 -14.80 -3.04
C GLY C 49 -15.42 -14.23 -1.72
N THR C 50 -14.60 -14.21 -0.67
CA THR C 50 -15.09 -13.76 0.64
C THR C 50 -15.31 -12.25 0.64
N PRO C 51 -16.53 -11.76 0.90
CA PRO C 51 -16.74 -10.31 0.94
C PRO C 51 -16.14 -9.72 2.19
N HIS C 52 -15.64 -8.49 2.08
CA HIS C 52 -15.14 -7.81 3.26
C HIS C 52 -15.40 -6.31 3.17
N LEU C 53 -15.50 -5.70 4.35
CA LEU C 53 -15.24 -4.28 4.51
C LEU C 53 -13.78 -4.13 4.93
N GLN C 54 -13.11 -3.14 4.36
CA GLN C 54 -11.74 -2.81 4.75
C GLN C 54 -11.63 -1.30 4.87
N GLY C 55 -11.07 -0.83 5.97
CA GLY C 55 -11.06 0.59 6.22
C GLY C 55 -9.80 1.09 6.88
N PHE C 56 -9.70 2.42 6.90
CA PHE C 56 -8.66 3.15 7.61
C PHE C 56 -9.35 4.27 8.37
N LEU C 57 -8.92 4.49 9.61
CA LEU C 57 -9.48 5.53 10.46
C LEU C 57 -8.36 6.40 10.99
N ASN C 58 -8.51 7.71 10.86
CA ASN C 58 -7.67 8.66 11.57
C ASN C 58 -8.58 9.36 12.57
N LEU C 59 -8.52 8.91 13.83
CA LEU C 59 -9.49 9.32 14.84
C LEU C 59 -9.14 10.68 15.43
N ARG C 60 -10.17 11.41 15.87
CA ARG C 60 -9.95 12.66 16.57
C ARG C 60 -9.38 12.44 17.96
N SER C 61 -9.74 11.33 18.60
CA SER C 61 -9.24 10.99 19.94
C SER C 61 -8.62 9.60 19.92
N ASN C 62 -7.65 9.40 20.80
CA ASN C 62 -7.00 8.10 20.90
C ASN C 62 -7.99 7.04 21.41
N ALA C 63 -7.82 5.81 20.92
CA ALA C 63 -8.64 4.70 21.35
C ALA C 63 -7.79 3.45 21.56
N ARG C 64 -8.08 2.70 22.62
CA ARG C 64 -7.65 1.30 22.71
C ARG C 64 -8.39 0.36 21.76
N ALA C 65 -7.68 -0.70 21.37
CA ALA C 65 -8.23 -1.71 20.47
C ALA C 65 -9.57 -2.23 20.94
N ALA C 66 -9.70 -2.51 22.24
CA ALA C 66 -10.96 -3.05 22.75
C ALA C 66 -12.11 -2.07 22.51
N ALA C 67 -11.86 -0.78 22.73
CA ALA C 67 -12.93 0.22 22.52
C ALA C 67 -13.24 0.37 21.04
N LEU C 68 -12.21 0.42 20.20
CA LEU C 68 -12.43 0.51 18.76
C LEU C 68 -13.15 -0.74 18.24
N GLU C 69 -12.76 -1.90 18.74
CA GLU C 69 -13.42 -3.15 18.35
C GLU C 69 -14.91 -3.06 18.60
N GLU C 70 -15.30 -2.62 19.80
CA GLU C 70 -16.72 -2.47 20.10
C GLU C 70 -17.38 -1.47 19.15
N SER C 71 -16.71 -0.34 18.89
CA SER C 71 -17.27 0.69 18.02
C SER C 71 -17.55 0.15 16.62
N LEU C 72 -16.72 -0.79 16.15
CA LEU C 72 -16.85 -1.31 14.79
C LEU C 72 -17.70 -2.55 14.71
N GLY C 73 -18.27 -3.03 15.82
CA GLY C 73 -19.22 -4.12 15.81
C GLY C 73 -18.72 -5.43 16.38
N GLY C 74 -17.46 -5.52 16.77
CA GLY C 74 -16.96 -6.67 17.49
C GLY C 74 -16.43 -7.82 16.63
N ARG C 75 -16.45 -7.70 15.30
CA ARG C 75 -15.99 -8.77 14.43
C ARG C 75 -14.77 -8.36 13.60
N ALA C 76 -14.13 -7.24 13.93
CA ALA C 76 -13.11 -6.66 13.06
C ALA C 76 -11.71 -7.11 13.43
N TRP C 77 -10.93 -7.42 12.40
CA TRP C 77 -9.48 -7.43 12.57
C TRP C 77 -8.98 -6.00 12.62
N LEU C 78 -8.07 -5.71 13.54
CA LEU C 78 -7.55 -4.37 13.75
C LEU C 78 -6.02 -4.38 13.75
N SER C 79 -5.44 -3.26 13.30
CA SER C 79 -4.02 -3.08 13.49
C SER C 79 -3.69 -1.59 13.42
N ARG C 80 -2.66 -1.17 14.15
CA ARG C 80 -2.17 0.18 14.00
C ARG C 80 -1.77 0.43 12.55
N ALA C 81 -2.10 1.62 12.04
CA ALA C 81 -1.79 1.96 10.66
C ALA C 81 -0.30 2.22 10.49
N ARG C 82 0.34 1.46 9.61
CA ARG C 82 1.75 1.68 9.32
C ARG C 82 1.95 2.64 8.15
N GLY C 83 0.96 2.73 7.25
CA GLY C 83 1.05 3.66 6.14
C GLY C 83 0.45 5.01 6.47
N SER C 84 0.68 5.97 5.57
CA SER C 84 0.12 7.30 5.71
C SER C 84 -1.38 7.30 5.42
N ASP C 85 -2.04 8.41 5.74
CA ASP C 85 -3.45 8.55 5.36
C ASP C 85 -3.61 8.35 3.87
N GLU C 86 -2.67 8.87 3.09
CA GLU C 86 -2.82 8.84 1.66
C GLU C 86 -2.54 7.43 1.11
N ASP C 87 -1.59 6.69 1.72
CA ASP C 87 -1.44 5.27 1.39
C ASP C 87 -2.75 4.53 1.57
N ASN C 88 -3.44 4.80 2.68
CA ASN C 88 -4.67 4.09 2.99
C ASN C 88 -5.80 4.52 2.07
N GLU C 89 -5.85 5.81 1.73
CA GLU C 89 -6.85 6.28 0.77
C GLU C 89 -6.68 5.55 -0.56
N GLU C 90 -5.44 5.44 -1.01
CA GLU C 90 -5.21 4.87 -2.32
C GLU C 90 -5.55 3.38 -2.32
N PHE C 91 -5.32 2.72 -1.18
CA PHE C 91 -5.63 1.28 -1.07
C PHE C 91 -7.14 1.05 -1.02
N CYS C 92 -7.84 1.76 -0.13
CA CYS C 92 -9.27 1.52 0.02
C CYS C 92 -10.08 2.03 -1.17
N ALA C 93 -9.61 3.10 -1.82
CA ALA C 93 -10.38 3.66 -2.93
C ALA C 93 -10.32 2.78 -4.17
N LYS C 94 -9.43 1.79 -4.20
CA LYS C 94 -9.40 0.85 -5.30
C LYS C 94 -10.58 -0.11 -5.25
N GLU C 95 -11.24 -0.24 -4.10
CA GLU C 95 -12.32 -1.20 -3.96
C GLU C 95 -13.56 -0.74 -4.72
N SER C 96 -14.36 -1.73 -5.13
CA SER C 96 -15.51 -1.52 -6.00
C SER C 96 -16.47 -0.45 -5.48
N THR C 97 -16.75 -0.48 -4.18
CA THR C 97 -17.55 0.54 -3.51
C THR C 97 -16.73 1.08 -2.36
N TYR C 98 -16.78 2.40 -2.13
CA TYR C 98 -16.19 2.87 -0.89
C TYR C 98 -16.92 4.11 -0.40
N LEU C 99 -16.77 4.34 0.91
CA LEU C 99 -17.29 5.49 1.63
C LEU C 99 -16.10 6.28 2.16
N ARG C 100 -16.08 7.58 1.90
CA ARG C 100 -14.94 8.42 2.27
C ARG C 100 -15.46 9.61 3.06
N VAL C 101 -14.84 9.86 4.23
CA VAL C 101 -15.26 10.89 5.17
C VAL C 101 -14.06 11.80 5.44
N GLY C 102 -14.24 13.11 5.24
CA GLY C 102 -13.09 13.98 5.50
C GLY C 102 -12.02 13.88 4.41
N GLU C 103 -10.80 14.30 4.77
CA GLU C 103 -9.66 14.32 3.85
C GLU C 103 -8.42 13.77 4.55
N PRO C 104 -7.54 13.10 3.81
CA PRO C 104 -6.30 12.60 4.42
C PRO C 104 -5.55 13.73 5.12
N VAL C 105 -5.00 13.44 6.28
CA VAL C 105 -4.24 14.42 7.05
C VAL C 105 -2.79 14.40 6.60
C1 GOL E . 19.57 3.59 -17.71
O1 GOL E . 20.27 4.68 -17.17
C2 GOL E . 19.11 2.71 -16.53
O2 GOL E . 19.82 2.98 -15.39
C3 GOL E . 17.61 3.02 -16.41
O3 GOL E . 17.07 2.07 -15.55
H11 GOL E . 20.11 3.05 -18.32
H12 GOL E . 18.79 3.86 -18.23
HO1 GOL E . 19.76 5.37 -17.22
H2 GOL E . 19.25 1.76 -16.69
HO2 GOL E . 20.36 2.32 -15.28
H31 GOL E . 17.22 3.03 -17.29
H32 GOL E . 17.51 3.93 -16.08
HO3 GOL E . 17.71 1.55 -15.32
S SO4 F . 5.23 -10.93 0.38
O1 SO4 F . 4.79 -11.99 -0.51
O2 SO4 F . 6.42 -11.37 1.10
O3 SO4 F . 5.54 -9.70 -0.37
O4 SO4 F . 4.14 -10.66 1.33
S SO4 G . 0.60 -11.21 4.98
O1 SO4 G . 1.71 -10.28 5.14
O2 SO4 G . 0.96 -12.52 5.54
O3 SO4 G . 0.30 -11.36 3.55
O4 SO4 G . -0.57 -10.70 5.68
S SO4 H . 31.92 12.66 -7.79
O1 SO4 H . 31.58 11.56 -8.68
O2 SO4 H . 33.01 12.25 -6.93
O3 SO4 H . 32.33 13.83 -8.58
O4 SO4 H . 30.75 13.02 -6.98
S SO4 I . -1.07 7.34 16.40
O1 SO4 I . -1.83 6.39 15.59
O2 SO4 I . 0.13 6.70 16.92
O3 SO4 I . -0.67 8.49 15.58
O4 SO4 I . -1.90 7.78 17.51
MN MN J . -2.35 -10.04 13.23
#